data_6FTU
#
_entry.id   6FTU
#
_cell.length_a   72.060
_cell.length_b   135.750
_cell.length_c   55.200
_cell.angle_alpha   90.00
_cell.angle_beta   93.58
_cell.angle_gamma   90.00
#
_symmetry.space_group_name_H-M   'C 1 2 1'
#
loop_
_entity.id
_entity.type
_entity.pdbx_description
1 polymer 'DNA (26-MER)'
2 non-polymer 'POTASSIUM ION'
#
_entity_poly.entity_id   1
_entity_poly.type   'polydeoxyribonucleotide'
_entity_poly.pdbx_seq_one_letter_code
;(DG)(DG)(DG)(DG)(DG)(DA)(DG)(DG)(DG)(DG)(DT)(DA)(DC)(DA)(DG)(DG)(DG)(DG)(DT)(DA)
(DC)(DA)(DG)(DG)(DG)(DG)
;
_entity_poly.pdbx_strand_id   A,B,C,D,E,F,Z
#
loop_
_chem_comp.id
_chem_comp.type
_chem_comp.name
_chem_comp.formula
DA DNA linking 2'-DEOXYADENOSINE-5'-MONOPHOSPHATE 'C10 H14 N5 O6 P'
DC DNA linking 2'-DEOXYCYTIDINE-5'-MONOPHOSPHATE 'C9 H14 N3 O7 P'
DG DNA linking 2'-DEOXYGUANOSINE-5'-MONOPHOSPHATE 'C10 H14 N5 O7 P'
DT DNA linking THYMIDINE-5'-MONOPHOSPHATE 'C10 H15 N2 O8 P'
K non-polymer 'POTASSIUM ION' 'K 1'
#
# COMPACT_ATOMS: atom_id res chain seq x y z
K K H . 11.89 10.27 2.52
K K I . 13.03 12.74 4.09
K K J . 14.47 15.22 5.93
K K K . 3.31 -5.55 -21.04
K K L . 4.54 -3.08 -18.59
K K M . 5.41 -0.13 -16.96
K K N . 15.96 -13.34 12.73
K K O . 12.28 -12.36 11.35
K K P . 18.79 -14.62 14.29
K K Q . -8.65 -12.31 6.42
K K R . -11.86 -11.62 4.79
K K S . -15.70 -10.54 3.55
K K T . -11.38 20.86 -4.48
K K U . -10.10 21.17 -7.48
K K V . -12.78 20.80 -1.14
K K W . -6.33 17.73 -36.07
K K X . -7.51 17.94 -32.83
K K Y . -8.95 17.50 -29.15
K K Z . -0.81 -26.57 32.66
K K AA . -2.09 -23.50 34.09
K K BA . -3.51 -20.63 35.32
#